data_3HLC
#
_entry.id   3HLC
#
_cell.length_a   58.154
_cell.length_b   75.031
_cell.length_c   131.621
_cell.angle_alpha   90.000
_cell.angle_beta   90.000
_cell.angle_gamma   90.000
#
_symmetry.space_group_name_H-M   'P 21 21 21'
#
loop_
_entity.id
_entity.type
_entity.pdbx_description
1 polymer Transesterase
2 non-polymer GLYCEROL
3 non-polymer 'TETRAETHYLENE GLYCOL'
4 water water
#
_entity_poly.entity_id   1
_entity_poly.type   'polypeptide(L)'
_entity_poly.pdbx_seq_one_letter_code
;GSSHHHHHHSSGLVPRGSHMGSIIDAAAAAGPVVLMETAFRKAVESRQIPGAVIMARDASGNLNYTRCFGARTVRRDENN
QLPPLQVDTPCRLASATKLLTTIMVLQCMERGLVDLDETVDRLLPDLSAMPVLEGFDDAGNARLRERRGKITLRHLLTHT
SGLSYVFLHPLLREYMAQGYLQSAEKFGIQSRLAPPAVNDPGAEWIYGTNLDWAGKLVERATGLDLEQYLQENICAPLGI
TDMTFKLQQRPDMLARRADQTHRNSADGRLRYDDSVYFRADGEECFGGQGVFSSPGSYMKVLHSLLKRDGLLLQPQTVDL
MFQPALEPRLEEQMNQHMDASPHINYGGPMPMVLRRSFGLGGIIALEDLDGENWRRKGSLTFGGGPNIVWQIDPKAGLCT
LAFFQLEPWNDPVCRDLTRTFEHAIYAQYQQG
;
_entity_poly.pdbx_strand_id   A
#
loop_
_chem_comp.id
_chem_comp.type
_chem_comp.name
_chem_comp.formula
GOL non-polymer GLYCEROL 'C3 H8 O3'
PG4 non-polymer 'TETRAETHYLENE GLYCOL' 'C8 H18 O5'
#
# COMPACT_ATOMS: atom_id res chain seq x y z
N HIS A 8 -10.74 -6.46 55.22
CA HIS A 8 -9.25 -6.54 55.33
C HIS A 8 -8.67 -7.41 54.19
N HIS A 9 -8.11 -8.59 54.49
CA HIS A 9 -7.59 -9.50 53.47
C HIS A 9 -7.77 -10.95 53.90
N SER A 10 -8.00 -11.83 52.93
CA SER A 10 -8.27 -13.24 53.20
C SER A 10 -6.97 -14.04 53.19
N SER A 11 -6.76 -14.81 54.26
CA SER A 11 -5.53 -15.55 54.47
C SER A 11 -5.26 -16.57 53.35
N GLY A 12 -4.07 -16.48 52.76
CA GLY A 12 -3.64 -17.38 51.69
C GLY A 12 -4.09 -16.93 50.31
N LEU A 13 -4.88 -15.87 50.25
CA LEU A 13 -5.38 -15.36 48.98
C LEU A 13 -4.76 -14.01 48.65
N VAL A 14 -4.45 -13.80 47.37
CA VAL A 14 -3.90 -12.53 46.91
C VAL A 14 -4.82 -11.38 47.31
N PRO A 15 -4.26 -10.32 47.90
CA PRO A 15 -5.10 -9.14 48.18
C PRO A 15 -5.59 -8.50 46.88
N ARG A 16 -6.90 -8.28 46.77
CA ARG A 16 -7.52 -7.72 45.56
C ARG A 16 -8.75 -6.91 45.91
N GLY A 17 -9.36 -6.28 44.90
CA GLY A 17 -10.63 -5.58 45.09
C GLY A 17 -11.65 -6.49 45.75
N SER A 18 -12.28 -5.99 46.81
CA SER A 18 -13.27 -6.74 47.61
C SER A 18 -14.67 -6.10 47.63
N HIS A 19 -14.77 -4.87 47.13
CA HIS A 19 -16.04 -4.16 46.98
C HIS A 19 -15.95 -3.24 45.76
N MET A 20 -17.06 -2.59 45.39
CA MET A 20 -17.13 -1.89 44.09
C MET A 20 -16.15 -0.73 43.88
N GLY A 21 -15.96 0.09 44.91
CA GLY A 21 -15.00 1.19 44.82
C GLY A 21 -13.56 0.71 44.65
N SER A 22 -13.18 -0.30 45.43
CA SER A 22 -11.82 -0.83 45.41
C SER A 22 -11.54 -1.71 44.18
N ILE A 23 -12.58 -2.31 43.60
CA ILE A 23 -12.44 -3.08 42.36
C ILE A 23 -12.26 -2.16 41.15
N ILE A 24 -13.05 -1.09 41.09
CA ILE A 24 -12.96 -0.10 39.99
C ILE A 24 -11.60 0.60 39.97
N ASP A 25 -11.10 0.98 41.15
CA ASP A 25 -9.81 1.68 41.27
C ASP A 25 -8.60 0.74 41.07
N ALA A 26 -8.77 -0.53 41.42
CA ALA A 26 -7.73 -1.55 41.19
C ALA A 26 -7.48 -1.77 39.69
N ALA A 27 -8.50 -1.51 38.89
CA ALA A 27 -8.38 -1.49 37.42
C ALA A 27 -8.08 -0.07 36.96
N ALA A 28 -6.87 0.15 36.42
CA ALA A 28 -6.52 1.45 35.85
C ALA A 28 -7.40 1.74 34.62
N ALA A 29 -7.67 3.03 34.37
CA ALA A 29 -8.57 3.43 33.28
C ALA A 29 -8.01 3.05 31.89
N ALA A 30 -8.91 2.99 30.91
CA ALA A 30 -8.59 2.59 29.53
C ALA A 30 -7.72 3.62 28.80
N GLY A 31 -6.52 3.20 28.39
CA GLY A 31 -5.66 4.04 27.55
C GLY A 31 -6.16 4.16 26.11
N PRO A 32 -5.48 4.98 25.29
CA PRO A 32 -5.84 5.18 23.88
C PRO A 32 -5.98 3.89 23.07
N VAL A 33 -5.04 2.95 23.25
CA VAL A 33 -5.04 1.69 22.49
C VAL A 33 -6.25 0.81 22.85
N VAL A 34 -6.54 0.67 24.13
CA VAL A 34 -7.73 -0.09 24.54
C VAL A 34 -9.03 0.53 23.97
N LEU A 35 -9.18 1.85 24.04
CA LEU A 35 -10.38 2.52 23.51
C LEU A 35 -10.50 2.31 21.99
N MET A 36 -9.36 2.36 21.32
CA MET A 36 -9.31 2.14 19.87
C MET A 36 -9.74 0.72 19.50
N GLU A 37 -9.28 -0.28 20.26
CA GLU A 37 -9.64 -1.65 19.95
C GLU A 37 -11.14 -1.83 20.09
N THR A 38 -11.74 -1.18 21.08
CA THR A 38 -13.19 -1.19 21.25
C THR A 38 -13.93 -0.62 20.04
N ALA A 39 -13.43 0.48 19.48
CA ALA A 39 -13.98 1.02 18.23
C ALA A 39 -13.90 -0.01 17.07
N PHE A 40 -12.77 -0.70 16.93
CA PHE A 40 -12.69 -1.76 15.92
C PHE A 40 -13.70 -2.89 16.20
N ARG A 41 -13.79 -3.32 17.45
CA ARG A 41 -14.73 -4.40 17.78
C ARG A 41 -16.17 -3.99 17.49
N LYS A 42 -16.50 -2.74 17.82
CA LYS A 42 -17.86 -2.24 17.56
C LYS A 42 -18.16 -2.13 16.07
N ALA A 43 -17.17 -1.76 15.28
CA ALA A 43 -17.37 -1.66 13.83
C ALA A 43 -17.67 -3.04 13.21
N VAL A 44 -17.03 -4.09 13.74
CA VAL A 44 -17.31 -5.45 13.29
C VAL A 44 -18.68 -5.87 13.82
N GLU A 45 -18.91 -5.64 15.11
CA GLU A 45 -20.18 -6.02 15.76
C GLU A 45 -21.40 -5.42 15.07
N SER A 46 -21.30 -4.14 14.71
CA SER A 46 -22.39 -3.42 14.06
C SER A 46 -22.44 -3.61 12.52
N ARG A 47 -21.59 -4.49 12.00
CA ARG A 47 -21.55 -4.82 10.57
C ARG A 47 -21.14 -3.65 9.64
N GLN A 48 -20.32 -2.74 10.16
CA GLN A 48 -19.80 -1.63 9.35
C GLN A 48 -18.59 -2.04 8.51
N ILE A 49 -17.75 -2.92 9.06
CA ILE A 49 -16.65 -3.55 8.31
C ILE A 49 -16.73 -5.08 8.43
N PRO A 50 -16.16 -5.82 7.47
CA PRO A 50 -16.03 -7.28 7.63
C PRO A 50 -15.02 -7.61 8.71
N GLY A 51 -13.85 -6.97 8.61
CA GLY A 51 -12.79 -7.13 9.60
C GLY A 51 -11.58 -6.29 9.26
N ALA A 52 -10.53 -6.44 10.06
CA ALA A 52 -9.29 -5.69 9.87
C ALA A 52 -8.16 -6.36 10.64
N VAL A 53 -6.94 -6.20 10.14
CA VAL A 53 -5.74 -6.53 10.89
C VAL A 53 -4.93 -5.24 10.99
N ILE A 54 -4.54 -4.89 12.22
CA ILE A 54 -3.71 -3.73 12.48
C ILE A 54 -2.44 -4.18 13.15
N MET A 55 -1.32 -3.59 12.72
CA MET A 55 0.01 -3.99 13.20
C MET A 55 0.91 -2.79 13.34
N ALA A 56 1.71 -2.82 14.40
CA ALA A 56 2.69 -1.77 14.68
C ALA A 56 3.95 -2.41 15.25
N ARG A 57 5.11 -1.96 14.77
CA ARG A 57 6.39 -2.41 15.29
C ARG A 57 7.35 -1.24 15.40
N ASP A 58 8.22 -1.30 16.40
CA ASP A 58 9.38 -0.42 16.47
C ASP A 58 10.59 -1.24 16.09
N ALA A 59 11.74 -0.60 16.05
CA ALA A 59 13.01 -1.25 15.73
C ALA A 59 13.55 -2.11 16.87
N SER A 60 13.35 -1.68 18.10
CA SER A 60 13.93 -2.34 19.28
C SER A 60 13.31 -3.70 19.59
N GLY A 61 12.07 -3.92 19.17
CA GLY A 61 11.29 -5.10 19.55
C GLY A 61 10.39 -4.91 20.76
N ASN A 62 10.46 -3.74 21.40
CA ASN A 62 9.58 -3.47 22.56
C ASN A 62 8.13 -3.21 22.17
N LEU A 63 7.93 -2.82 20.92
CA LEU A 63 6.59 -2.72 20.36
C LEU A 63 6.44 -3.80 19.30
N ASN A 64 5.56 -4.75 19.57
CA ASN A 64 5.23 -5.80 18.63
C ASN A 64 3.74 -6.07 18.80
N TYR A 65 2.94 -5.26 18.11
CA TYR A 65 1.50 -5.16 18.32
C TYR A 65 0.76 -5.62 17.07
N THR A 66 -0.06 -6.66 17.23
CA THR A 66 -0.89 -7.21 16.16
C THR A 66 -2.26 -7.49 16.73
N ARG A 67 -3.30 -6.91 16.13
CA ARG A 67 -4.68 -7.23 16.50
C ARG A 67 -5.49 -7.54 15.24
N CYS A 68 -6.30 -8.58 15.34
CA CYS A 68 -7.17 -9.03 14.25
C CYS A 68 -8.60 -8.94 14.72
N PHE A 69 -9.46 -8.38 13.88
CA PHE A 69 -10.87 -8.21 14.18
C PHE A 69 -11.71 -8.78 13.04
N GLY A 70 -12.79 -9.47 13.40
CA GLY A 70 -13.79 -9.86 12.45
C GLY A 70 -13.36 -10.90 11.43
N ALA A 71 -14.02 -10.84 10.27
CA ALA A 71 -14.04 -11.91 9.29
C ALA A 71 -13.25 -11.55 8.06
N ARG A 72 -12.81 -12.59 7.36
CA ARG A 72 -12.07 -12.47 6.10
C ARG A 72 -12.99 -12.50 4.88
N THR A 73 -14.29 -12.46 5.14
CA THR A 73 -15.31 -12.60 4.10
C THR A 73 -16.67 -12.25 4.66
N VAL A 74 -17.65 -12.08 3.78
CA VAL A 74 -19.03 -12.02 4.22
C VAL A 74 -19.78 -13.29 3.82
N ARG A 75 -19.09 -14.24 3.19
CA ARG A 75 -19.70 -15.51 2.79
C ARG A 75 -19.53 -16.53 3.90
N ARG A 76 -20.63 -17.19 4.28
CA ARG A 76 -20.58 -18.15 5.38
C ARG A 76 -19.91 -19.44 4.89
N ASP A 77 -19.13 -20.06 5.77
CA ASP A 77 -18.35 -21.24 5.39
C ASP A 77 -19.19 -22.51 5.48
N GLU A 78 -18.55 -23.68 5.37
CA GLU A 78 -19.25 -24.95 5.37
C GLU A 78 -19.97 -25.23 6.71
N ASN A 79 -19.62 -24.53 7.77
CA ASN A 79 -20.28 -24.70 9.06
C ASN A 79 -21.24 -23.57 9.39
N ASN A 80 -21.54 -22.73 8.39
CA ASN A 80 -22.45 -21.58 8.52
C ASN A 80 -21.86 -20.43 9.38
N GLN A 81 -20.54 -20.37 9.45
CA GLN A 81 -19.86 -19.36 10.23
C GLN A 81 -19.11 -18.39 9.32
N LEU A 82 -18.66 -17.28 9.90
CA LEU A 82 -17.86 -16.33 9.16
C LEU A 82 -16.41 -16.46 9.63
N PRO A 83 -15.53 -17.04 8.78
CA PRO A 83 -14.20 -17.34 9.30
C PRO A 83 -13.37 -16.07 9.53
N PRO A 84 -12.45 -16.14 10.50
CA PRO A 84 -11.77 -14.91 10.93
C PRO A 84 -10.69 -14.38 9.96
N LEU A 85 -10.52 -13.07 9.93
CA LEU A 85 -9.35 -12.48 9.29
C LEU A 85 -8.20 -12.60 10.29
N GLN A 86 -7.11 -13.24 9.85
CA GLN A 86 -5.97 -13.54 10.71
C GLN A 86 -4.70 -12.88 10.20
N VAL A 87 -3.69 -12.83 11.07
CA VAL A 87 -2.39 -12.24 10.70
C VAL A 87 -1.74 -13.00 9.55
N ASP A 88 -2.09 -14.27 9.38
CA ASP A 88 -1.55 -15.06 8.26
C ASP A 88 -2.55 -15.29 7.11
N THR A 89 -3.64 -14.53 7.08
CA THR A 89 -4.61 -14.70 6.01
C THR A 89 -4.09 -14.09 4.68
N PRO A 90 -4.04 -14.90 3.60
CA PRO A 90 -3.69 -14.30 2.30
C PRO A 90 -4.69 -13.23 1.84
N CYS A 91 -4.17 -12.02 1.63
CA CYS A 91 -4.94 -10.86 1.24
C CYS A 91 -4.49 -10.28 -0.10
N ARG A 92 -5.43 -9.68 -0.80
CA ARG A 92 -5.16 -8.97 -2.03
C ARG A 92 -4.52 -7.62 -1.69
N LEU A 93 -3.28 -7.42 -2.14
CA LEU A 93 -2.54 -6.20 -1.83
C LEU A 93 -2.88 -5.07 -2.79
N ALA A 94 -3.25 -5.42 -4.02
CA ALA A 94 -3.44 -4.41 -5.06
C ALA A 94 -2.21 -3.49 -5.08
N SER A 95 -2.40 -2.17 -5.10
CA SER A 95 -1.25 -1.23 -5.21
C SER A 95 -0.23 -1.25 -4.05
N ALA A 96 -0.54 -1.92 -2.94
CA ALA A 96 0.48 -2.13 -1.90
C ALA A 96 1.61 -3.04 -2.42
N THR A 97 1.39 -3.67 -3.57
CA THR A 97 2.44 -4.39 -4.30
C THR A 97 3.59 -3.46 -4.74
N LYS A 98 3.28 -2.19 -5.00
CA LYS A 98 4.25 -1.25 -5.55
C LYS A 98 5.52 -1.06 -4.71
N LEU A 99 5.38 -1.06 -3.39
CA LEU A 99 6.54 -1.03 -2.51
C LEU A 99 7.46 -2.25 -2.76
N LEU A 100 6.85 -3.42 -2.92
CA LEU A 100 7.62 -4.62 -3.15
C LEU A 100 8.40 -4.54 -4.47
N THR A 101 7.73 -4.11 -5.53
CA THR A 101 8.39 -3.99 -6.83
C THR A 101 9.50 -2.93 -6.79
N THR A 102 9.25 -1.83 -6.09
CA THR A 102 10.27 -0.78 -5.89
C THR A 102 11.52 -1.36 -5.24
N ILE A 103 11.34 -2.18 -4.21
CA ILE A 103 12.46 -2.85 -3.53
C ILE A 103 13.21 -3.75 -4.52
N MET A 104 12.47 -4.52 -5.31
CA MET A 104 13.11 -5.41 -6.30
C MET A 104 13.95 -4.64 -7.30
N VAL A 105 13.43 -3.51 -7.78
CA VAL A 105 14.20 -2.64 -8.67
C VAL A 105 15.46 -2.15 -7.99
N LEU A 106 15.34 -1.73 -6.73
CA LEU A 106 16.50 -1.19 -6.02
C LEU A 106 17.58 -2.26 -5.76
N GLN A 107 17.16 -3.51 -5.55
CA GLN A 107 18.11 -4.61 -5.45
C GLN A 107 18.86 -4.80 -6.77
N CYS A 108 18.16 -4.71 -7.90
CA CYS A 108 18.81 -4.76 -9.22
C CYS A 108 19.88 -3.68 -9.36
N MET A 109 19.56 -2.49 -8.87
CA MET A 109 20.49 -1.38 -8.89
C MET A 109 21.69 -1.72 -8.02
N GLU A 110 21.44 -2.25 -6.83
CA GLU A 110 22.52 -2.59 -5.90
C GLU A 110 23.50 -3.60 -6.51
N ARG A 111 22.98 -4.52 -7.32
CA ARG A 111 23.79 -5.55 -7.93
C ARG A 111 24.37 -5.14 -9.29
N GLY A 112 24.20 -3.86 -9.64
CA GLY A 112 24.82 -3.29 -10.84
C GLY A 112 24.16 -3.70 -12.14
N LEU A 113 22.91 -4.16 -12.08
CA LEU A 113 22.18 -4.55 -13.28
C LEU A 113 21.57 -3.34 -13.96
N VAL A 114 21.27 -2.30 -13.19
CA VAL A 114 20.68 -1.08 -13.73
C VAL A 114 21.17 0.14 -12.97
N ASP A 115 21.11 1.28 -13.63
CA ASP A 115 21.34 2.57 -13.03
C ASP A 115 20.01 3.31 -12.98
N LEU A 116 19.70 3.94 -11.86
CA LEU A 116 18.40 4.60 -11.67
C LEU A 116 18.14 5.70 -12.69
N ASP A 117 19.20 6.36 -13.18
CA ASP A 117 19.03 7.45 -14.14
C ASP A 117 19.26 7.02 -15.59
N GLU A 118 19.42 5.72 -15.84
CA GLU A 118 19.56 5.24 -17.21
C GLU A 118 18.21 5.31 -17.90
N THR A 119 18.20 5.58 -19.19
CA THR A 119 16.94 5.55 -19.94
C THR A 119 16.43 4.11 -19.98
N VAL A 120 15.12 3.96 -20.09
CA VAL A 120 14.48 2.64 -20.14
C VAL A 120 14.63 1.93 -21.51
N ASP A 121 15.17 2.64 -22.49
CA ASP A 121 15.18 2.17 -23.89
C ASP A 121 15.84 0.79 -24.03
N ARG A 122 16.91 0.58 -23.28
CA ARG A 122 17.68 -0.65 -23.34
C ARG A 122 16.85 -1.88 -22.93
N LEU A 123 16.28 -1.84 -21.73
CA LEU A 123 15.50 -2.99 -21.23
C LEU A 123 14.01 -2.96 -21.61
N LEU A 124 13.47 -1.76 -21.86
CA LEU A 124 12.06 -1.56 -22.17
C LEU A 124 11.87 -0.79 -23.49
N PRO A 125 12.37 -1.34 -24.61
CA PRO A 125 12.16 -0.66 -25.90
C PRO A 125 10.68 -0.61 -26.31
N ASP A 126 9.88 -1.53 -25.78
CA ASP A 126 8.44 -1.51 -26.02
C ASP A 126 7.80 -0.30 -25.32
N LEU A 127 8.32 0.10 -24.17
CA LEU A 127 7.86 1.33 -23.51
C LEU A 127 8.37 2.56 -24.26
N SER A 128 9.67 2.57 -24.58
CA SER A 128 10.26 3.72 -25.25
C SER A 128 9.60 4.04 -26.59
N ALA A 129 9.11 3.02 -27.28
CA ALA A 129 8.46 3.22 -28.57
C ALA A 129 7.05 3.82 -28.45
N MET A 130 6.47 3.81 -27.26
CA MET A 130 5.10 4.30 -27.06
C MET A 130 4.98 5.83 -27.20
N PRO A 131 3.96 6.29 -27.93
CA PRO A 131 3.81 7.71 -28.18
C PRO A 131 3.08 8.38 -27.02
N VAL A 132 2.97 9.71 -27.07
CA VAL A 132 2.15 10.42 -26.09
C VAL A 132 0.89 10.99 -26.76
N LEU A 133 -0.24 10.81 -26.07
CA LEU A 133 -1.55 11.22 -26.52
C LEU A 133 -1.70 12.69 -26.14
N GLU A 134 -1.70 13.56 -27.15
CA GLU A 134 -1.76 15.00 -26.95
C GLU A 134 -3.20 15.49 -26.87
N GLY A 135 -4.08 14.84 -27.62
CA GLY A 135 -5.50 15.18 -27.60
C GLY A 135 -6.26 14.53 -28.74
N PHE A 136 -7.36 15.19 -29.14
CA PHE A 136 -8.21 14.72 -30.23
C PHE A 136 -8.56 15.91 -31.12
N ASP A 137 -8.49 15.74 -32.44
CA ASP A 137 -8.81 16.84 -33.37
C ASP A 137 -10.34 17.08 -33.44
N ASP A 138 -10.76 18.07 -34.24
CA ASP A 138 -12.19 18.39 -34.37
C ASP A 138 -13.04 17.17 -34.76
N ALA A 139 -12.54 16.38 -35.70
CA ALA A 139 -13.23 15.14 -36.13
C ALA A 139 -13.43 14.15 -34.99
N GLY A 140 -12.46 14.10 -34.06
CA GLY A 140 -12.49 13.15 -32.95
C GLY A 140 -11.43 12.06 -33.07
N ASN A 141 -10.40 12.31 -33.87
CA ASN A 141 -9.30 11.37 -34.07
C ASN A 141 -8.19 11.65 -33.07
N ALA A 142 -7.57 10.59 -32.53
CA ALA A 142 -6.49 10.73 -31.56
C ALA A 142 -5.28 11.45 -32.16
N ARG A 143 -4.74 12.41 -31.40
CA ARG A 143 -3.55 13.15 -31.80
C ARG A 143 -2.34 12.60 -31.05
N LEU A 144 -1.59 11.71 -31.69
CA LEU A 144 -0.43 11.07 -31.07
C LEU A 144 0.85 11.71 -31.56
N ARG A 145 1.84 11.82 -30.68
CA ARG A 145 3.14 12.37 -31.04
C ARG A 145 4.27 11.66 -30.33
N GLU A 146 5.49 11.93 -30.78
CA GLU A 146 6.69 11.37 -30.19
C GLU A 146 6.97 12.06 -28.85
N ARG A 147 7.50 11.27 -27.90
CA ARG A 147 7.86 11.75 -26.58
C ARG A 147 9.00 12.76 -26.67
N ARG A 148 8.97 13.77 -25.80
CA ARG A 148 10.09 14.70 -25.65
C ARG A 148 10.89 14.27 -24.42
N GLY A 149 12.14 13.87 -24.63
CA GLY A 149 12.99 13.41 -23.55
C GLY A 149 12.83 11.91 -23.32
N LYS A 150 13.71 11.35 -22.49
CA LYS A 150 13.73 9.91 -22.23
C LYS A 150 13.15 9.60 -20.87
N ILE A 151 12.41 8.50 -20.78
CA ILE A 151 11.94 7.98 -19.51
C ILE A 151 13.10 7.24 -18.87
N THR A 152 13.39 7.54 -17.60
CA THR A 152 14.38 6.79 -16.83
C THR A 152 13.72 5.89 -15.81
N LEU A 153 14.53 5.01 -15.23
CA LEU A 153 14.07 4.14 -14.16
C LEU A 153 13.53 4.97 -12.99
N ARG A 154 14.19 6.09 -12.69
CA ARG A 154 13.77 6.94 -11.58
C ARG A 154 12.42 7.60 -11.86
N HIS A 155 12.14 7.94 -13.12
CA HIS A 155 10.81 8.40 -13.51
C HIS A 155 9.72 7.37 -13.21
N LEU A 156 10.00 6.10 -13.52
CA LEU A 156 9.05 5.03 -13.24
C LEU A 156 8.79 4.92 -11.73
N LEU A 157 9.84 4.93 -10.93
CA LEU A 157 9.73 4.77 -9.49
C LEU A 157 9.02 5.90 -8.78
N THR A 158 9.04 7.10 -9.38
CA THR A 158 8.45 8.29 -8.79
C THR A 158 7.14 8.73 -9.47
N HIS A 159 6.61 7.90 -10.38
CA HIS A 159 5.41 8.23 -11.16
C HIS A 159 5.51 9.60 -11.88
N THR A 160 6.64 9.85 -12.53
CA THR A 160 6.85 11.08 -13.31
C THR A 160 7.24 10.79 -14.77
N SER A 161 6.84 9.62 -15.25
CA SER A 161 7.21 9.13 -16.58
C SER A 161 6.31 9.67 -17.69
N GLY A 162 5.12 10.14 -17.32
CA GLY A 162 4.10 10.52 -18.30
C GLY A 162 2.99 9.49 -18.44
N LEU A 163 3.22 8.30 -17.87
CA LEU A 163 2.22 7.24 -17.86
C LEU A 163 1.11 7.52 -16.85
N SER A 164 -0.10 7.11 -17.20
CA SER A 164 -1.26 7.25 -16.32
C SER A 164 -2.12 5.99 -16.41
N TYR A 165 -2.83 5.69 -15.33
CA TYR A 165 -3.92 4.73 -15.38
C TYR A 165 -5.03 5.30 -16.24
N VAL A 166 -5.69 4.44 -17.01
CA VAL A 166 -6.73 4.89 -17.93
C VAL A 166 -7.85 5.65 -17.23
N PHE A 167 -8.39 5.07 -16.16
CA PHE A 167 -9.58 5.65 -15.54
C PHE A 167 -9.32 6.97 -14.79
N LEU A 168 -8.07 7.28 -14.50
CA LEU A 168 -7.71 8.54 -13.82
C LEU A 168 -7.38 9.71 -14.74
N HIS A 169 -7.38 9.50 -16.06
CA HIS A 169 -7.08 10.59 -16.97
C HIS A 169 -8.17 10.71 -18.05
N PRO A 170 -8.71 11.93 -18.23
CA PRO A 170 -9.80 12.11 -19.23
C PRO A 170 -9.38 11.81 -20.68
N LEU A 171 -8.15 12.14 -21.05
CA LEU A 171 -7.66 11.78 -22.39
C LEU A 171 -7.69 10.25 -22.60
N LEU A 172 -7.22 9.48 -21.61
CA LEU A 172 -7.23 8.02 -21.75
C LEU A 172 -8.63 7.42 -21.67
N ARG A 173 -9.51 8.01 -20.85
CA ARG A 173 -10.90 7.58 -20.82
C ARG A 173 -11.58 7.73 -22.18
N GLU A 174 -11.36 8.85 -22.85
CA GLU A 174 -11.92 9.07 -24.20
C GLU A 174 -11.22 8.19 -25.23
N TYR A 175 -9.93 7.93 -25.02
CA TYR A 175 -9.17 7.02 -25.88
C TYR A 175 -9.81 5.64 -25.90
N MET A 176 -10.21 5.14 -24.72
CA MET A 176 -10.91 3.87 -24.61
C MET A 176 -12.35 3.97 -25.12
N ALA A 177 -13.00 5.09 -24.87
CA ALA A 177 -14.39 5.30 -25.30
C ALA A 177 -14.55 5.27 -26.82
N GLN A 178 -13.50 5.69 -27.54
CA GLN A 178 -13.50 5.68 -29.01
C GLN A 178 -12.96 4.38 -29.61
N GLY A 179 -12.75 3.36 -28.76
CA GLY A 179 -12.44 2.01 -29.22
C GLY A 179 -11.00 1.72 -29.62
N TYR A 180 -10.07 2.61 -29.25
CA TYR A 180 -8.65 2.40 -29.58
C TYR A 180 -8.00 1.25 -28.80
N LEU A 181 -8.57 0.88 -27.65
CA LEU A 181 -7.99 -0.14 -26.77
C LEU A 181 -8.79 -1.44 -26.78
N GLN A 182 -8.72 -2.16 -27.90
CA GLN A 182 -9.44 -3.44 -28.06
C GLN A 182 -8.59 -4.45 -28.82
N SER A 191 -5.46 -4.92 -22.06
CA SER A 191 -4.01 -4.84 -21.93
C SER A 191 -3.60 -3.68 -21.03
N ARG A 192 -2.81 -3.99 -20.00
CA ARG A 192 -2.32 -2.99 -19.05
C ARG A 192 -1.25 -2.07 -19.64
N LEU A 193 -0.49 -2.57 -20.62
CA LEU A 193 0.66 -1.86 -21.16
C LEU A 193 0.36 -1.12 -22.49
N ALA A 194 -0.82 -1.36 -23.06
CA ALA A 194 -1.19 -0.81 -24.36
C ALA A 194 -1.38 0.72 -24.43
N PRO A 195 -2.07 1.33 -23.46
CA PRO A 195 -2.45 2.74 -23.65
C PRO A 195 -1.25 3.71 -23.72
N PRO A 196 -1.38 4.79 -24.50
CA PRO A 196 -0.28 5.74 -24.65
C PRO A 196 -0.02 6.55 -23.39
N ALA A 197 1.15 7.18 -23.32
CA ALA A 197 1.44 8.15 -22.25
C ALA A 197 0.64 9.43 -22.49
N VAL A 198 0.45 10.23 -21.43
CA VAL A 198 -0.32 11.47 -21.53
C VAL A 198 0.53 12.72 -21.30
N ASN A 199 1.82 12.52 -21.05
CA ASN A 199 2.76 13.63 -20.96
C ASN A 199 4.17 13.12 -21.16
N ASP A 200 5.11 14.05 -21.24
CA ASP A 200 6.53 13.74 -21.35
C ASP A 200 7.09 13.45 -19.97
N PRO A 201 8.18 12.67 -19.89
CA PRO A 201 8.79 12.36 -18.61
C PRO A 201 9.32 13.62 -17.93
N GLY A 202 9.13 13.72 -16.62
CA GLY A 202 9.55 14.89 -15.87
C GLY A 202 8.54 16.03 -15.86
N ALA A 203 7.49 15.93 -16.67
CA ALA A 203 6.51 17.02 -16.83
C ALA A 203 5.59 17.17 -15.64
N GLU A 204 5.03 16.05 -15.16
CA GLU A 204 4.17 16.07 -13.98
C GLU A 204 4.14 14.72 -13.25
N TRP A 205 3.80 14.78 -11.97
CA TRP A 205 3.50 13.59 -11.20
C TRP A 205 2.12 13.09 -11.64
N ILE A 206 2.06 11.85 -12.11
CA ILE A 206 0.81 11.22 -12.54
C ILE A 206 0.82 9.77 -12.09
N TYR A 207 -0.20 9.37 -11.34
CA TYR A 207 -0.30 8.00 -10.86
C TYR A 207 -0.56 7.07 -12.05
N GLY A 208 0.31 6.08 -12.25
CA GLY A 208 0.20 5.22 -13.43
C GLY A 208 0.84 3.86 -13.31
N THR A 209 0.90 3.18 -14.47
CA THR A 209 1.33 1.79 -14.59
C THR A 209 2.85 1.62 -14.48
N ASN A 210 3.51 2.59 -13.88
CA ASN A 210 4.96 2.61 -13.79
C ASN A 210 5.61 1.38 -13.21
N LEU A 211 4.98 0.78 -12.21
CA LEU A 211 5.54 -0.41 -11.54
C LEU A 211 5.24 -1.71 -12.29
N ASP A 212 4.25 -1.72 -13.17
CA ASP A 212 4.09 -2.83 -14.11
C ASP A 212 5.29 -2.85 -15.07
N TRP A 213 5.65 -1.68 -15.59
CA TRP A 213 6.84 -1.55 -16.42
C TRP A 213 8.12 -1.83 -15.65
N ALA A 214 8.23 -1.32 -14.43
CA ALA A 214 9.42 -1.55 -13.61
C ALA A 214 9.57 -3.06 -13.33
N GLY A 215 8.46 -3.74 -13.10
CA GLY A 215 8.47 -5.20 -12.91
C GLY A 215 9.01 -5.93 -14.14
N LYS A 216 8.59 -5.51 -15.33
CA LYS A 216 9.14 -6.09 -16.56
C LYS A 216 10.65 -5.86 -16.65
N LEU A 217 11.10 -4.67 -16.26
CA LEU A 217 12.51 -4.34 -16.27
C LEU A 217 13.31 -5.28 -15.37
N VAL A 218 12.77 -5.59 -14.18
CA VAL A 218 13.42 -6.53 -13.26
C VAL A 218 13.52 -7.94 -13.88
N GLU A 219 12.45 -8.37 -14.55
CA GLU A 219 12.41 -9.68 -15.19
C GLU A 219 13.44 -9.77 -16.30
N ARG A 220 13.55 -8.72 -17.10
CA ARG A 220 14.48 -8.70 -18.22
C ARG A 220 15.93 -8.50 -17.76
N ALA A 221 16.13 -7.74 -16.68
CA ALA A 221 17.48 -7.52 -16.16
C ALA A 221 18.06 -8.78 -15.50
N THR A 222 17.19 -9.59 -14.91
CA THR A 222 17.61 -10.77 -14.16
C THR A 222 17.43 -12.11 -14.89
N GLY A 223 16.58 -12.14 -15.91
CA GLY A 223 16.22 -13.41 -16.56
C GLY A 223 15.29 -14.30 -15.75
N LEU A 224 14.76 -13.78 -14.63
CA LEU A 224 13.79 -14.52 -13.83
C LEU A 224 12.42 -13.87 -14.00
N ASP A 225 11.35 -14.64 -13.86
CA ASP A 225 10.02 -14.03 -13.77
C ASP A 225 9.87 -13.40 -12.37
N LEU A 226 8.92 -12.50 -12.21
CA LEU A 226 8.86 -11.71 -10.99
C LEU A 226 8.57 -12.58 -9.77
N GLU A 227 7.79 -13.63 -9.96
CA GLU A 227 7.47 -14.57 -8.88
C GLU A 227 8.74 -15.20 -8.31
N GLN A 228 9.58 -15.76 -9.19
CA GLN A 228 10.82 -16.37 -8.75
C GLN A 228 11.72 -15.33 -8.11
N TYR A 229 11.79 -14.13 -8.71
CA TYR A 229 12.63 -13.08 -8.16
C TYR A 229 12.13 -12.70 -6.75
N LEU A 230 10.82 -12.52 -6.63
CA LEU A 230 10.19 -12.22 -5.34
C LEU A 230 10.56 -13.25 -4.27
N GLN A 231 10.40 -14.54 -4.60
CA GLN A 231 10.63 -15.60 -3.61
C GLN A 231 12.08 -15.62 -3.15
N GLU A 232 13.02 -15.48 -4.08
CA GLU A 232 14.44 -15.57 -3.76
C GLU A 232 14.98 -14.31 -3.07
N ASN A 233 14.40 -13.15 -3.35
CA ASN A 233 15.03 -11.90 -2.94
C ASN A 233 14.29 -11.07 -1.90
N ILE A 234 13.00 -11.37 -1.70
CA ILE A 234 12.23 -10.75 -0.63
C ILE A 234 11.71 -11.80 0.36
N CYS A 235 11.07 -12.85 -0.11
CA CYS A 235 10.48 -13.84 0.79
C CYS A 235 11.49 -14.68 1.55
N ALA A 236 12.40 -15.34 0.83
CA ALA A 236 13.39 -16.23 1.47
C ALA A 236 14.21 -15.55 2.56
N PRO A 237 14.79 -14.37 2.26
CA PRO A 237 15.59 -13.66 3.27
C PRO A 237 14.84 -13.26 4.56
N LEU A 238 13.52 -13.10 4.47
CA LEU A 238 12.70 -12.75 5.65
C LEU A 238 11.92 -13.92 6.24
N GLY A 239 12.13 -15.13 5.72
CA GLY A 239 11.39 -16.31 6.17
C GLY A 239 9.89 -16.24 5.85
N ILE A 240 9.54 -15.57 4.75
CA ILE A 240 8.15 -15.40 4.36
C ILE A 240 7.74 -16.59 3.48
N THR A 241 6.59 -17.21 3.75
CA THR A 241 6.06 -18.23 2.83
C THR A 241 4.60 -17.95 2.38
N ASP A 242 4.10 -16.74 2.66
CA ASP A 242 2.72 -16.29 2.40
C ASP A 242 2.68 -15.04 1.49
N MET A 243 3.45 -15.04 0.40
CA MET A 243 3.53 -13.85 -0.46
C MET A 243 3.86 -14.28 -1.91
N THR A 244 2.95 -13.99 -2.83
CA THR A 244 3.05 -14.58 -4.17
C THR A 244 2.25 -13.79 -5.22
N PHE A 245 2.74 -13.82 -6.46
CA PHE A 245 1.96 -13.39 -7.64
C PHE A 245 1.05 -14.51 -8.13
N LYS A 246 1.30 -15.74 -7.66
CA LYS A 246 0.66 -16.93 -8.26
C LYS A 246 -0.22 -17.67 -7.25
N LEU A 247 -1.27 -17.00 -6.81
CA LEU A 247 -2.15 -17.50 -5.75
C LEU A 247 -2.81 -18.82 -6.20
N GLN A 248 -3.19 -18.88 -7.47
CA GLN A 248 -3.82 -20.10 -8.03
C GLN A 248 -2.94 -21.33 -7.96
N GLN A 249 -1.62 -21.14 -7.91
CA GLN A 249 -0.69 -22.25 -7.83
C GLN A 249 -0.31 -22.60 -6.40
N ARG A 250 -0.95 -21.97 -5.43
CA ARG A 250 -0.74 -22.25 -4.00
C ARG A 250 -2.05 -22.66 -3.33
N PRO A 251 -2.45 -23.95 -3.45
CA PRO A 251 -3.76 -24.39 -2.95
C PRO A 251 -3.96 -24.19 -1.44
N ASP A 252 -2.86 -24.25 -0.68
CA ASP A 252 -2.91 -23.98 0.75
C ASP A 252 -3.30 -22.51 1.03
N MET A 253 -2.68 -21.56 0.32
CA MET A 253 -3.04 -20.14 0.44
C MET A 253 -4.44 -19.90 -0.11
N LEU A 254 -4.77 -20.60 -1.19
CA LEU A 254 -6.02 -20.38 -1.91
C LEU A 254 -7.18 -20.68 -0.99
N ALA A 255 -7.06 -21.76 -0.22
CA ALA A 255 -8.13 -22.19 0.65
C ALA A 255 -8.29 -21.30 1.89
N ARG A 256 -7.24 -20.57 2.28
CA ARG A 256 -7.28 -19.73 3.49
C ARG A 256 -7.53 -18.25 3.19
N ARG A 257 -7.67 -17.92 1.91
CA ARG A 257 -7.64 -16.54 1.46
C ARG A 257 -8.87 -15.75 1.90
N ALA A 258 -8.69 -14.44 2.04
CA ALA A 258 -9.80 -13.50 2.21
C ALA A 258 -10.63 -13.42 0.93
N ASP A 259 -11.94 -13.24 1.09
CA ASP A 259 -12.76 -12.83 -0.03
C ASP A 259 -12.77 -11.31 -0.02
N GLN A 260 -12.98 -10.71 -1.18
CA GLN A 260 -13.15 -9.27 -1.25
C GLN A 260 -14.59 -8.90 -0.94
N THR A 261 -14.73 -7.81 -0.20
CA THR A 261 -16.01 -7.25 0.14
C THR A 261 -16.10 -5.86 -0.49
N HIS A 262 -17.31 -5.49 -0.89
CA HIS A 262 -17.59 -4.18 -1.48
C HIS A 262 -18.69 -3.52 -0.69
N ARG A 263 -18.54 -2.23 -0.43
CA ARG A 263 -19.59 -1.46 0.19
C ARG A 263 -20.45 -0.81 -0.89
N ASN A 264 -21.73 -1.16 -0.90
CA ASN A 264 -22.67 -0.60 -1.88
C ASN A 264 -22.95 0.86 -1.52
N SER A 265 -22.75 1.76 -2.49
CA SER A 265 -22.83 3.20 -2.24
C SER A 265 -24.23 3.71 -1.85
N ALA A 266 -25.28 2.95 -2.18
CA ALA A 266 -26.66 3.33 -1.84
C ALA A 266 -26.96 3.14 -0.35
N ASP A 267 -27.03 1.88 0.08
CA ASP A 267 -27.41 1.53 1.45
C ASP A 267 -26.22 1.41 2.41
N GLY A 268 -25.01 1.39 1.86
CA GLY A 268 -23.81 1.23 2.68
C GLY A 268 -23.62 -0.17 3.25
N ARG A 269 -24.31 -1.15 2.68
CA ARG A 269 -24.20 -2.53 3.14
C ARG A 269 -23.02 -3.25 2.49
N LEU A 270 -22.49 -4.22 3.20
CA LEU A 270 -21.34 -5.00 2.76
C LEU A 270 -21.82 -6.16 1.90
N ARG A 271 -21.22 -6.34 0.73
CA ARG A 271 -21.56 -7.46 -0.15
C ARG A 271 -20.31 -8.16 -0.63
N TYR A 272 -20.45 -9.46 -0.92
CA TYR A 272 -19.39 -10.25 -1.53
C TYR A 272 -19.04 -9.68 -2.91
N ASP A 273 -17.73 -9.53 -3.17
CA ASP A 273 -17.22 -8.90 -4.39
C ASP A 273 -16.52 -9.98 -5.20
N ASP A 274 -17.20 -10.44 -6.25
CA ASP A 274 -16.73 -11.52 -7.11
C ASP A 274 -15.90 -10.96 -8.27
N SER A 275 -14.69 -10.48 -7.98
CA SER A 275 -13.85 -9.86 -9.02
C SER A 275 -12.69 -10.75 -9.49
N VAL A 276 -12.21 -10.41 -10.69
CA VAL A 276 -11.40 -11.31 -11.54
C VAL A 276 -10.07 -11.80 -10.96
N TYR A 277 -9.51 -11.07 -9.99
CA TYR A 277 -8.16 -11.34 -9.51
C TYR A 277 -8.02 -12.61 -8.65
N PHE A 278 -9.15 -13.22 -8.31
CA PHE A 278 -9.18 -14.40 -7.43
C PHE A 278 -9.43 -15.72 -8.16
N ARG A 279 -9.90 -15.63 -9.39
CA ARG A 279 -10.17 -16.82 -10.19
C ARG A 279 -9.10 -17.03 -11.28
N ALA A 280 -8.66 -15.94 -11.91
CA ALA A 280 -7.65 -16.02 -12.95
C ALA A 280 -6.38 -15.32 -12.49
N ASP A 281 -5.32 -16.11 -12.29
CA ASP A 281 -4.01 -15.53 -11.95
C ASP A 281 -3.55 -14.57 -13.03
N GLY A 282 -3.83 -14.94 -14.28
CA GLY A 282 -3.25 -14.25 -15.42
C GLY A 282 -1.84 -14.78 -15.52
N GLU A 283 -1.30 -14.85 -16.72
CA GLU A 283 0.00 -15.47 -16.89
C GLU A 283 1.18 -14.59 -16.51
N GLU A 284 1.06 -13.29 -16.75
CA GLU A 284 2.11 -12.36 -16.40
C GLU A 284 2.03 -11.99 -14.91
N CYS A 285 3.19 -11.70 -14.33
CA CYS A 285 3.27 -11.11 -13.00
C CYS A 285 3.20 -9.61 -13.16
N PHE A 286 2.21 -8.96 -12.56
CA PHE A 286 2.13 -7.51 -12.68
C PHE A 286 2.64 -6.82 -11.43
N GLY A 287 3.76 -6.12 -11.60
CA GLY A 287 4.48 -5.49 -10.48
C GLY A 287 3.75 -4.34 -9.83
N GLY A 288 2.71 -3.83 -10.50
CA GLY A 288 1.92 -2.72 -9.97
C GLY A 288 0.86 -3.16 -8.96
N GLN A 289 0.24 -4.32 -9.16
CA GLN A 289 -0.91 -4.71 -8.33
C GLN A 289 -1.07 -6.20 -8.04
N GLY A 290 -0.10 -7.03 -8.43
CA GLY A 290 -0.32 -8.47 -8.55
C GLY A 290 -0.09 -9.37 -7.33
N VAL A 291 0.40 -8.84 -6.21
CA VAL A 291 0.82 -9.71 -5.11
C VAL A 291 -0.32 -9.98 -4.12
N PHE A 292 -0.39 -11.24 -3.67
CA PHE A 292 -1.21 -11.65 -2.52
C PHE A 292 -0.28 -11.94 -1.35
N SER A 293 -0.58 -11.37 -0.20
CA SER A 293 0.27 -11.48 0.98
C SER A 293 -0.57 -11.43 2.25
N SER A 294 -0.09 -12.07 3.30
CA SER A 294 -0.70 -11.89 4.62
C SER A 294 -0.25 -10.55 5.19
N PRO A 295 -1.04 -9.99 6.13
CA PRO A 295 -0.55 -8.81 6.83
C PRO A 295 0.79 -9.06 7.52
N GLY A 296 0.94 -10.24 8.11
CA GLY A 296 2.16 -10.64 8.81
C GLY A 296 3.39 -10.58 7.94
N SER A 297 3.28 -11.12 6.74
CA SER A 297 4.40 -11.09 5.80
C SER A 297 4.70 -9.67 5.32
N TYR A 298 3.68 -8.86 5.09
CA TYR A 298 3.92 -7.48 4.65
C TYR A 298 4.63 -6.69 5.73
N MET A 299 4.21 -6.87 6.99
CA MET A 299 4.89 -6.22 8.12
C MET A 299 6.35 -6.63 8.22
N LYS A 300 6.68 -7.88 7.90
CA LYS A 300 8.09 -8.29 7.88
C LYS A 300 8.93 -7.43 6.92
N VAL A 301 8.34 -7.04 5.80
CA VAL A 301 9.02 -6.14 4.85
C VAL A 301 9.21 -4.74 5.44
N LEU A 302 8.13 -4.15 5.96
CA LEU A 302 8.18 -2.82 6.55
C LEU A 302 9.19 -2.74 7.70
N HIS A 303 9.12 -3.73 8.59
CA HIS A 303 9.96 -3.82 9.79
C HIS A 303 11.47 -3.92 9.44
N SER A 304 11.78 -4.72 8.43
CA SER A 304 13.16 -4.82 7.93
C SER A 304 13.68 -3.47 7.45
N LEU A 305 12.85 -2.75 6.71
CA LEU A 305 13.21 -1.42 6.22
C LEU A 305 13.39 -0.46 7.40
N LEU A 306 12.49 -0.54 8.38
CA LEU A 306 12.61 0.29 9.59
C LEU A 306 13.93 0.00 10.32
N LYS A 307 14.25 -1.27 10.47
CA LYS A 307 15.45 -1.70 11.22
C LYS A 307 16.78 -1.41 10.54
N ARG A 308 16.77 -1.08 9.24
CA ARG A 308 17.98 -0.96 8.46
CA ARG A 308 18.01 -0.94 8.50
C ARG A 308 18.87 -2.20 8.67
N ASP A 309 18.25 -3.38 8.63
CA ASP A 309 18.97 -4.63 8.94
C ASP A 309 19.71 -5.27 7.75
N GLY A 310 19.66 -4.63 6.59
CA GLY A 310 20.37 -5.12 5.42
C GLY A 310 19.85 -6.39 4.79
N LEU A 311 18.69 -6.88 5.24
CA LEU A 311 18.15 -8.16 4.73
C LEU A 311 17.56 -8.04 3.33
N LEU A 312 17.00 -6.87 3.00
CA LEU A 312 16.43 -6.65 1.67
C LEU A 312 17.31 -5.69 0.83
N LEU A 313 17.90 -4.71 1.48
CA LEU A 313 18.60 -3.60 0.86
C LEU A 313 19.60 -3.06 1.86
N GLN A 314 20.69 -2.48 1.37
CA GLN A 314 21.66 -1.81 2.24
C GLN A 314 20.99 -0.58 2.86
N PRO A 315 21.33 -0.26 4.12
CA PRO A 315 20.76 0.89 4.79
C PRO A 315 20.79 2.18 3.96
N GLN A 316 21.90 2.45 3.28
CA GLN A 316 22.03 3.67 2.47
C GLN A 316 21.03 3.70 1.32
N THR A 317 20.67 2.53 0.80
CA THR A 317 19.68 2.45 -0.29
C THR A 317 18.26 2.69 0.25
N VAL A 318 17.96 2.10 1.41
CA VAL A 318 16.69 2.36 2.07
C VAL A 318 16.55 3.87 2.34
N ASP A 319 17.63 4.50 2.83
CA ASP A 319 17.58 5.94 3.09
C ASP A 319 17.17 6.71 1.83
N LEU A 320 17.66 6.28 0.67
CA LEU A 320 17.30 6.88 -0.62
C LEU A 320 15.77 6.93 -0.83
N MET A 321 15.09 5.85 -0.44
CA MET A 321 13.65 5.73 -0.62
C MET A 321 12.88 6.85 0.11
N PHE A 322 13.43 7.29 1.22
CA PHE A 322 12.81 8.34 2.05
C PHE A 322 13.20 9.77 1.67
N GLN A 323 14.05 9.95 0.67
CA GLN A 323 14.47 11.28 0.27
C GLN A 323 13.52 11.86 -0.76
N PRO A 324 13.12 13.13 -0.58
CA PRO A 324 12.25 13.76 -1.59
C PRO A 324 12.88 13.70 -2.98
N ALA A 325 12.21 13.05 -3.92
CA ALA A 325 12.76 12.84 -5.28
C ALA A 325 12.43 13.97 -6.25
N LEU A 326 11.43 14.80 -5.92
CA LEU A 326 10.90 15.79 -6.87
C LEU A 326 11.56 17.14 -6.72
N GLU A 327 11.91 17.75 -7.86
CA GLU A 327 12.33 19.14 -7.88
C GLU A 327 11.11 20.03 -7.59
N PRO A 328 11.35 21.28 -7.16
CA PRO A 328 10.26 22.13 -6.66
C PRO A 328 9.02 22.25 -7.56
N ARG A 329 9.21 22.36 -8.87
CA ARG A 329 8.07 22.44 -9.80
C ARG A 329 7.13 21.23 -9.67
N LEU A 330 7.70 20.03 -9.73
CA LEU A 330 6.90 18.79 -9.58
C LEU A 330 6.32 18.62 -8.17
N GLU A 331 7.09 18.98 -7.15
CA GLU A 331 6.60 18.95 -5.78
C GLU A 331 5.34 19.80 -5.63
N GLU A 332 5.40 21.01 -6.15
CA GLU A 332 4.26 21.93 -6.15
C GLU A 332 3.06 21.38 -6.91
N GLN A 333 3.30 20.89 -8.13
CA GLN A 333 2.23 20.30 -8.94
C GLN A 333 1.59 19.09 -8.23
N MET A 334 2.41 18.20 -7.68
CA MET A 334 1.88 17.02 -7.00
C MET A 334 1.01 17.42 -5.81
N ASN A 335 1.51 18.32 -4.98
CA ASN A 335 0.74 18.81 -3.84
C ASN A 335 -0.56 19.49 -4.27
N GLN A 336 -0.51 20.35 -5.30
CA GLN A 336 -1.74 20.95 -5.85
C GLN A 336 -2.74 19.88 -6.28
N HIS A 337 -2.26 18.89 -7.02
CA HIS A 337 -3.12 17.80 -7.50
C HIS A 337 -3.72 17.02 -6.34
N MET A 338 -2.90 16.66 -5.35
CA MET A 338 -3.37 15.84 -4.24
C MET A 338 -4.32 16.61 -3.33
N ASP A 339 -3.99 17.85 -3.02
CA ASP A 339 -4.87 18.70 -2.20
C ASP A 339 -6.24 18.88 -2.88
N ALA A 340 -6.23 18.98 -4.21
CA ALA A 340 -7.46 19.15 -4.99
C ALA A 340 -8.20 17.83 -5.26
N SER A 341 -7.64 16.69 -4.84
CA SER A 341 -8.21 15.38 -5.18
C SER A 341 -8.51 14.48 -3.98
N PRO A 342 -9.29 14.98 -3.00
CA PRO A 342 -9.68 14.09 -1.88
C PRO A 342 -10.59 12.94 -2.30
N HIS A 343 -11.16 13.02 -3.51
CA HIS A 343 -11.96 11.92 -4.05
C HIS A 343 -11.10 10.74 -4.48
N ILE A 344 -9.82 10.99 -4.76
CA ILE A 344 -8.83 9.94 -5.03
C ILE A 344 -8.11 9.60 -3.71
N ASN A 345 -7.61 10.64 -3.04
CA ASN A 345 -6.97 10.51 -1.72
C ASN A 345 -5.87 9.46 -1.64
N TYR A 346 -4.76 9.73 -2.33
CA TYR A 346 -3.59 8.83 -2.31
C TYR A 346 -3.05 8.62 -0.89
N GLY A 347 -3.15 9.65 -0.06
CA GLY A 347 -2.60 9.60 1.31
C GLY A 347 -3.45 8.96 2.39
N GLY A 348 -4.63 8.47 2.05
CA GLY A 348 -5.49 7.75 3.00
C GLY A 348 -5.87 8.57 4.24
N PRO A 349 -5.43 8.15 5.44
CA PRO A 349 -5.78 8.86 6.67
C PRO A 349 -5.04 10.18 6.88
N MET A 350 -4.03 10.47 6.08
CA MET A 350 -3.29 11.73 6.23
C MET A 350 -4.20 12.92 6.04
N PRO A 351 -3.87 14.06 6.66
CA PRO A 351 -4.66 15.28 6.44
C PRO A 351 -4.81 15.61 4.95
N MET A 352 -5.98 16.12 4.57
CA MET A 352 -6.30 16.40 3.16
C MET A 352 -5.32 17.40 2.57
N VAL A 353 -4.92 18.39 3.37
CA VAL A 353 -3.91 19.33 2.95
C VAL A 353 -2.67 19.06 3.79
N LEU A 354 -1.56 18.80 3.10
CA LEU A 354 -0.29 18.46 3.75
C LEU A 354 0.80 18.76 2.73
N ARG A 355 1.96 19.23 3.17
CA ARG A 355 3.09 19.39 2.26
CA ARG A 355 3.08 19.38 2.24
C ARG A 355 3.72 18.01 2.08
N ARG A 356 3.73 17.51 0.84
CA ARG A 356 4.27 16.18 0.53
C ARG A 356 5.34 16.22 -0.55
N SER A 357 6.12 15.15 -0.63
CA SER A 357 6.88 14.84 -1.83
C SER A 357 6.64 13.38 -2.17
N PHE A 358 7.35 12.88 -3.18
CA PHE A 358 7.35 11.46 -3.47
C PHE A 358 8.80 10.95 -3.39
N GLY A 359 8.98 9.81 -2.76
CA GLY A 359 10.31 9.19 -2.64
C GLY A 359 10.42 8.06 -3.64
N LEU A 360 11.05 6.96 -3.25
CA LEU A 360 11.03 5.76 -4.07
C LEU A 360 10.21 4.75 -3.27
N GLY A 361 8.99 4.50 -3.73
CA GLY A 361 8.12 3.54 -3.05
C GLY A 361 6.90 4.14 -2.39
N GLY A 362 6.84 5.47 -2.28
CA GLY A 362 5.69 6.09 -1.66
C GLY A 362 5.78 7.58 -1.49
N ILE A 363 4.73 8.12 -0.89
CA ILE A 363 4.62 9.53 -0.56
C ILE A 363 5.39 9.84 0.73
N ILE A 364 6.10 10.97 0.73
CA ILE A 364 6.83 11.41 1.92
C ILE A 364 6.13 12.61 2.53
N ALA A 365 5.96 12.61 3.85
CA ALA A 365 5.45 13.77 4.54
C ALA A 365 6.62 14.74 4.68
N LEU A 366 6.43 15.98 4.22
CA LEU A 366 7.47 17.02 4.35
C LEU A 366 7.28 17.89 5.60
N GLU A 367 6.24 17.59 6.37
CA GLU A 367 6.02 18.24 7.67
C GLU A 367 5.33 17.23 8.58
N ASP A 368 5.41 17.49 9.89
CA ASP A 368 4.73 16.67 10.88
C ASP A 368 3.23 16.76 10.63
N LEU A 369 2.53 15.64 10.75
CA LEU A 369 1.08 15.61 10.52
C LEU A 369 0.31 16.34 11.61
N ASP A 370 0.76 16.18 12.85
CA ASP A 370 0.15 16.88 13.99
C ASP A 370 1.19 17.06 15.09
N GLY A 371 2.19 17.89 14.81
CA GLY A 371 3.27 18.15 15.76
C GLY A 371 3.91 16.85 16.23
N GLU A 372 3.88 16.64 17.55
CA GLU A 372 4.49 15.46 18.16
C GLU A 372 3.48 14.36 18.51
N ASN A 373 2.26 14.45 17.99
CA ASN A 373 1.21 13.50 18.32
C ASN A 373 1.07 12.35 17.29
N TRP A 374 1.65 12.51 16.10
CA TRP A 374 1.38 11.55 15.01
C TRP A 374 2.59 11.44 14.08
N ARG A 375 2.39 11.08 12.81
CA ARG A 375 3.50 10.83 11.91
C ARG A 375 4.38 12.07 11.76
N ARG A 376 5.68 11.85 11.67
CA ARG A 376 6.63 12.94 11.59
C ARG A 376 7.04 13.18 10.15
N LYS A 377 7.53 14.39 9.90
CA LYS A 377 8.25 14.72 8.69
C LYS A 377 9.23 13.59 8.37
N GLY A 378 9.31 13.21 7.10
CA GLY A 378 10.22 12.15 6.65
C GLY A 378 9.61 10.76 6.62
N SER A 379 8.36 10.64 7.04
CA SER A 379 7.65 9.35 7.02
C SER A 379 7.19 9.04 5.59
N LEU A 380 7.20 7.75 5.24
CA LEU A 380 6.90 7.26 3.89
C LEU A 380 5.66 6.42 3.98
N THR A 381 4.77 6.55 3.00
CA THR A 381 3.48 5.89 3.08
C THR A 381 2.86 5.62 1.72
N PHE A 382 2.03 4.60 1.66
CA PHE A 382 1.15 4.44 0.51
C PHE A 382 0.02 3.52 0.90
N GLY A 383 -0.82 3.20 -0.07
CA GLY A 383 -1.92 2.29 0.16
C GLY A 383 -2.14 1.25 -0.91
N GLY A 384 -3.08 0.37 -0.59
CA GLY A 384 -3.62 -0.60 -1.54
C GLY A 384 -5.12 -0.41 -1.61
N GLY A 385 -5.66 -0.59 -2.81
CA GLY A 385 -7.08 -0.48 -3.11
C GLY A 385 -8.07 -0.82 -2.03
N PRO A 386 -8.03 -2.05 -1.49
CA PRO A 386 -9.07 -2.42 -0.54
C PRO A 386 -8.84 -1.87 0.87
N ASN A 387 -8.48 -0.60 0.93
CA ASN A 387 -8.24 0.17 2.16
C ASN A 387 -7.08 -0.34 2.99
N ILE A 388 -5.99 -0.68 2.31
CA ILE A 388 -4.75 -1.05 2.98
C ILE A 388 -3.91 0.22 3.07
N VAL A 389 -3.34 0.47 4.25
CA VAL A 389 -2.47 1.62 4.44
C VAL A 389 -1.21 1.17 5.18
N TRP A 390 -0.04 1.51 4.64
CA TRP A 390 1.22 1.25 5.31
C TRP A 390 2.00 2.56 5.48
N GLN A 391 2.80 2.65 6.53
CA GLN A 391 3.70 3.78 6.70
C GLN A 391 4.91 3.40 7.54
N ILE A 392 6.03 4.02 7.21
CA ILE A 392 7.28 3.86 7.93
C ILE A 392 7.75 5.27 8.33
N ASP A 393 8.01 5.45 9.62
CA ASP A 393 8.31 6.73 10.21
C ASP A 393 9.63 6.61 10.99
N PRO A 394 10.77 6.82 10.30
CA PRO A 394 12.09 6.68 10.95
C PRO A 394 12.31 7.58 12.17
N LYS A 395 11.81 8.81 12.14
CA LYS A 395 12.00 9.72 13.29
C LYS A 395 11.23 9.26 14.52
N ALA A 396 9.99 8.78 14.34
CA ALA A 396 9.24 8.24 15.48
C ALA A 396 9.72 6.84 15.89
N GLY A 397 10.43 6.16 15.00
CA GLY A 397 10.89 4.81 15.27
C GLY A 397 9.77 3.79 15.19
N LEU A 398 8.76 4.06 14.36
CA LEU A 398 7.57 3.22 14.22
C LEU A 398 7.28 2.89 12.75
N CYS A 399 6.70 1.71 12.52
CA CYS A 399 6.00 1.43 11.27
C CYS A 399 4.67 0.81 11.61
N THR A 400 3.66 1.07 10.76
CA THR A 400 2.33 0.56 10.99
C THR A 400 1.69 0.12 9.69
N LEU A 401 0.74 -0.81 9.80
CA LEU A 401 -0.11 -1.16 8.68
C LEU A 401 -1.53 -1.43 9.17
N ALA A 402 -2.48 -1.08 8.33
CA ALA A 402 -3.87 -1.37 8.59
C ALA A 402 -4.33 -2.08 7.33
N PHE A 403 -4.72 -3.35 7.48
CA PHE A 403 -5.11 -4.18 6.36
C PHE A 403 -6.60 -4.44 6.47
N PHE A 404 -7.33 -3.99 5.46
CA PHE A 404 -8.73 -4.31 5.26
C PHE A 404 -8.80 -5.08 3.94
N GLN A 405 -9.94 -5.73 3.69
CA GLN A 405 -10.22 -6.31 2.38
C GLN A 405 -11.61 -5.84 1.94
N LEU A 406 -11.71 -4.52 1.78
CA LEU A 406 -12.97 -3.84 1.51
C LEU A 406 -12.73 -2.78 0.44
N GLU A 407 -13.50 -2.88 -0.64
CA GLU A 407 -13.53 -1.86 -1.69
C GLU A 407 -14.80 -1.02 -1.54
N PRO A 408 -14.80 0.22 -2.05
CA PRO A 408 -13.72 0.88 -2.76
C PRO A 408 -12.72 1.55 -1.81
N TRP A 409 -11.55 1.85 -2.35
CA TRP A 409 -10.55 2.68 -1.68
C TRP A 409 -11.18 3.94 -1.05
N ASN A 410 -10.57 4.43 0.02
CA ASN A 410 -10.96 5.70 0.66
C ASN A 410 -12.34 5.60 1.33
N ASP A 411 -12.65 4.43 1.89
CA ASP A 411 -13.89 4.24 2.61
C ASP A 411 -13.82 5.01 3.93
N PRO A 412 -14.79 5.92 4.20
CA PRO A 412 -14.74 6.74 5.42
C PRO A 412 -14.58 5.94 6.72
N VAL A 413 -15.35 4.86 6.87
CA VAL A 413 -15.23 4.04 8.09
C VAL A 413 -13.82 3.47 8.24
N CYS A 414 -13.26 2.91 7.17
CA CYS A 414 -11.90 2.37 7.25
C CYS A 414 -10.85 3.46 7.51
N ARG A 415 -10.98 4.59 6.81
CA ARG A 415 -10.03 5.69 6.98
CA ARG A 415 -10.07 5.73 6.96
C ARG A 415 -10.06 6.22 8.41
N ASP A 416 -11.24 6.38 9.00
CA ASP A 416 -11.37 6.87 10.37
C ASP A 416 -10.84 5.89 11.40
N LEU A 417 -11.17 4.61 11.24
CA LEU A 417 -10.59 3.54 12.07
C LEU A 417 -9.05 3.52 11.99
N THR A 418 -8.50 3.63 10.78
CA THR A 418 -7.04 3.62 10.57
C THR A 418 -6.35 4.80 11.27
N ARG A 419 -6.97 5.98 11.17
CA ARG A 419 -6.50 7.16 11.89
CA ARG A 419 -6.47 7.15 11.87
C ARG A 419 -6.49 6.91 13.39
N THR A 420 -7.59 6.35 13.88
CA THR A 420 -7.75 6.10 15.31
C THR A 420 -6.68 5.15 15.83
N PHE A 421 -6.42 4.10 15.06
CA PHE A 421 -5.35 3.14 15.32
C PHE A 421 -4.00 3.84 15.42
N GLU A 422 -3.62 4.57 14.38
CA GLU A 422 -2.31 5.23 14.36
C GLU A 422 -2.17 6.24 15.50
N HIS A 423 -3.17 7.09 15.70
CA HIS A 423 -3.17 8.05 16.81
C HIS A 423 -2.92 7.41 18.17
N ALA A 424 -3.63 6.31 18.42
CA ALA A 424 -3.50 5.53 19.68
C ALA A 424 -2.10 4.96 19.88
N ILE A 425 -1.55 4.35 18.84
CA ILE A 425 -0.21 3.74 18.90
C ILE A 425 0.84 4.82 19.13
N TYR A 426 0.73 5.93 18.39
CA TYR A 426 1.65 7.04 18.58
C TYR A 426 1.54 7.62 19.98
N ALA A 427 0.30 7.78 20.47
CA ALA A 427 0.10 8.35 21.80
C ALA A 427 0.75 7.50 22.88
N GLN A 428 0.65 6.17 22.79
CA GLN A 428 1.23 5.30 23.82
C GLN A 428 2.68 4.88 23.62
N TYR A 429 3.13 4.75 22.37
CA TYR A 429 4.36 4.03 22.09
C TYR A 429 5.37 4.76 21.23
N GLN A 430 5.05 5.97 20.76
CA GLN A 430 6.00 6.72 19.94
C GLN A 430 7.21 7.08 20.80
N GLN A 431 8.40 6.87 20.24
CA GLN A 431 9.64 7.24 20.90
C GLN A 431 10.59 7.94 19.93
C1 GOL B . -10.89 13.69 4.06
O1 GOL B . -12.30 13.59 4.20
C2 GOL B . -10.51 13.48 2.59
O2 GOL B . -10.96 12.21 2.16
C3 GOL B . -9.02 13.64 2.24
O3 GOL B . -8.09 13.53 3.30
O1 PG4 C . -2.66 4.80 -1.65
C1 PG4 C . -2.96 4.89 -3.04
C2 PG4 C . -4.16 4.01 -3.38
O2 PG4 C . -4.67 4.41 -4.64
C3 PG4 C . -5.64 5.44 -4.55
C4 PG4 C . -6.28 5.67 -5.90
O3 PG4 C . -6.75 4.41 -6.42
C5 PG4 C . -6.44 4.26 -7.81
C6 PG4 C . -6.76 2.84 -8.28
O4 PG4 C . -5.55 2.14 -8.62
C7 PG4 C . -5.30 2.02 -10.03
C8 PG4 C . -6.19 0.98 -10.68
O5 PG4 C . -6.29 -0.17 -9.84
#